data_3P7I
#
_entry.id   3P7I
#
_cell.length_a   76.094
_cell.length_b   82.440
_cell.length_c   54.667
_cell.angle_alpha   90.00
_cell.angle_beta   90.00
_cell.angle_gamma   90.00
#
_symmetry.space_group_name_H-M   'P 21 21 2'
#
loop_
_entity.id
_entity.type
_entity.pdbx_description
1 polymer 'PhnD, subunit of alkylphosphonate ABC transporter'
2 non-polymer '(2-aminoethyl)phosphonic acid'
3 non-polymer GLYCEROL
4 water water
#
_entity_poly.entity_id   1
_entity_poly.type   'polypeptide(L)'
_entity_poly.pdbx_seq_one_letter_code
;MHHHHHHGSEEQEKALNFGIISTESQQNLKPQWTPFLQDMEKKLGVKVNAFFAPDYAGIIQGMRFNKVDIAWYGNLSAME
AVDRANGQVFAQTVAADGSPGYWSVLIVNKDSPINNLNDLLAKRKDLTFGNGDPNSTSGFLVPGYYVFAKNNISASDFKR
TVNAGHETNALAVANKQVDVATNNTENLDKLKTSAPEKLKELKVIWKSPLIPGDPIVWRKNLSETTKDKIYDFFMNYGKT
PEEKAVLERLGWAPFRASSDLQLVPIRQLALFKEMQSVKDNKGLNEQDKLAKTTAIQAQLDDLDRLNNALSAMSSVSKAV
Q
;
_entity_poly.pdbx_strand_id   A
#
loop_
_chem_comp.id
_chem_comp.type
_chem_comp.name
_chem_comp.formula
GOL non-polymer GLYCEROL 'C3 H8 O3'
P7I non-polymer '(2-aminoethyl)phosphonic acid' 'C2 H8 N O3 P'
#
# COMPACT_ATOMS: atom_id res chain seq x y z
N LYS A 14 6.13 21.76 -18.96
CA LYS A 14 7.20 22.23 -18.05
C LYS A 14 7.07 21.65 -16.62
N ALA A 15 6.05 22.10 -15.87
CA ALA A 15 5.77 21.62 -14.50
C ALA A 15 5.58 20.10 -14.42
N LEU A 16 6.01 19.52 -13.30
CA LEU A 16 5.84 18.10 -13.05
C LEU A 16 4.63 17.89 -12.13
N ASN A 17 3.83 16.85 -12.40
CA ASN A 17 2.78 16.50 -11.47
C ASN A 17 3.19 15.30 -10.66
N PHE A 18 3.17 15.41 -9.33
CA PHE A 18 3.60 14.29 -8.48
C PHE A 18 2.40 13.69 -7.75
N GLY A 19 2.06 12.47 -8.09
CA GLY A 19 0.88 11.75 -7.52
C GLY A 19 1.21 11.23 -6.09
N ILE A 20 0.27 11.45 -5.19
CA ILE A 20 0.44 11.00 -3.78
C ILE A 20 -0.86 10.23 -3.42
N ILE A 21 -0.69 8.93 -3.17
CA ILE A 21 -1.84 8.04 -2.79
C ILE A 21 -2.46 8.48 -1.47
N SER A 22 -3.76 8.21 -1.39
CA SER A 22 -4.65 8.73 -0.31
C SER A 22 -4.55 7.79 0.92
N THR A 23 -3.36 7.61 1.47
CA THR A 23 -3.22 6.85 2.73
C THR A 23 -3.83 7.67 3.92
N GLU A 24 -3.89 9.00 3.76
CA GLU A 24 -4.36 9.88 4.80
C GLU A 24 -5.08 11.00 4.08
N SER A 25 -5.75 11.86 4.87
CA SER A 25 -6.38 13.02 4.31
C SER A 25 -5.35 13.98 3.67
N GLN A 26 -5.80 14.82 2.73
CA GLN A 26 -4.83 15.82 2.21
C GLN A 26 -4.37 16.73 3.31
N GLN A 27 -5.32 17.07 4.20
CA GLN A 27 -4.99 17.87 5.37
C GLN A 27 -3.79 17.33 6.10
N ASN A 28 -3.69 16.00 6.22
CA ASN A 28 -2.56 15.40 6.91
C ASN A 28 -1.37 15.18 6.00
N LEU A 29 -1.64 14.96 4.72
CA LEU A 29 -0.53 14.70 3.79
C LEU A 29 0.29 15.94 3.42
N LYS A 30 -0.39 17.07 3.22
CA LYS A 30 0.25 18.30 2.71
C LYS A 30 1.46 18.74 3.54
N PRO A 31 1.35 18.74 4.88
CA PRO A 31 2.50 19.20 5.67
C PRO A 31 3.71 18.29 5.51
N GLN A 32 3.51 16.97 5.28
CA GLN A 32 4.66 16.08 5.03
C GLN A 32 5.21 16.28 3.64
N TRP A 33 4.29 16.52 2.70
CA TRP A 33 4.69 16.45 1.27
C TRP A 33 5.16 17.76 0.70
N THR A 34 4.53 18.85 1.17
CA THR A 34 4.84 20.16 0.58
C THR A 34 6.32 20.48 0.68
N PRO A 35 6.95 20.24 1.83
CA PRO A 35 8.40 20.65 1.85
C PRO A 35 9.23 19.75 0.93
N PHE A 36 8.80 18.50 0.74
CA PHE A 36 9.54 17.62 -0.12
C PHE A 36 9.42 18.08 -1.57
N LEU A 37 8.21 18.42 -1.99
CA LEU A 37 8.00 18.83 -3.35
C LEU A 37 8.66 20.23 -3.57
N GLN A 38 8.65 21.09 -2.56
CA GLN A 38 9.40 22.37 -2.69
C GLN A 38 10.93 22.14 -2.87
N ASP A 39 11.50 21.14 -2.21
CA ASP A 39 12.87 20.81 -2.41
C ASP A 39 13.13 20.23 -3.82
N MET A 40 12.16 19.46 -4.33
CA MET A 40 12.23 18.92 -5.66
C MET A 40 12.26 20.04 -6.70
N GLU A 41 11.40 21.03 -6.50
CA GLU A 41 11.28 22.20 -7.41
C GLU A 41 12.60 22.93 -7.45
N LYS A 42 13.17 23.18 -6.27
CA LYS A 42 14.44 23.94 -6.19
C LYS A 42 15.56 23.23 -6.95
N LYS A 43 15.60 21.93 -6.79
CA LYS A 43 16.60 21.11 -7.47
C LYS A 43 16.34 20.84 -8.95
N LEU A 44 15.09 20.57 -9.35
CA LEU A 44 14.83 20.35 -10.77
C LEU A 44 14.68 21.65 -11.59
N GLY A 45 14.49 22.79 -10.92
CA GLY A 45 14.27 24.07 -11.59
C GLY A 45 13.00 24.13 -12.39
N VAL A 46 11.96 23.45 -11.85
CA VAL A 46 10.66 23.46 -12.41
C VAL A 46 9.61 23.37 -11.30
N LYS A 47 8.38 23.78 -11.60
CA LYS A 47 7.30 23.71 -10.64
C LYS A 47 6.93 22.24 -10.47
N VAL A 48 6.63 21.88 -9.24
CA VAL A 48 6.16 20.53 -8.95
C VAL A 48 4.84 20.67 -8.24
N ASN A 49 3.78 20.07 -8.80
CA ASN A 49 2.45 20.21 -8.19
C ASN A 49 2.07 18.85 -7.61
N ALA A 50 1.54 18.85 -6.38
CA ALA A 50 0.92 17.63 -5.85
C ALA A 50 -0.39 17.26 -6.60
N PHE A 51 -0.57 15.96 -6.85
CA PHE A 51 -1.77 15.45 -7.52
C PHE A 51 -2.35 14.47 -6.49
N PHE A 52 -3.49 14.85 -5.94
CA PHE A 52 -4.23 13.94 -5.02
C PHE A 52 -5.46 13.36 -5.71
N ALA A 53 -6.01 12.32 -5.13
CA ALA A 53 -7.29 11.79 -5.58
C ALA A 53 -8.05 11.17 -4.40
N PRO A 54 -9.36 10.93 -4.59
CA PRO A 54 -10.11 10.31 -3.49
C PRO A 54 -9.75 8.83 -3.18
N ASP A 55 -9.17 8.15 -4.16
CA ASP A 55 -8.74 6.77 -3.99
C ASP A 55 -7.48 6.53 -4.78
N TYR A 56 -6.84 5.38 -4.61
CA TYR A 56 -5.61 5.09 -5.38
C TYR A 56 -5.79 5.06 -6.90
N ALA A 57 -6.94 4.55 -7.37
CA ALA A 57 -7.28 4.45 -8.81
C ALA A 57 -7.12 5.80 -9.49
N GLY A 58 -7.41 6.91 -8.78
CA GLY A 58 -7.30 8.28 -9.40
C GLY A 58 -5.85 8.56 -9.76
N ILE A 59 -4.89 8.10 -8.95
CA ILE A 59 -3.46 8.36 -9.28
C ILE A 59 -3.07 7.49 -10.50
N ILE A 60 -3.46 6.22 -10.47
CA ILE A 60 -3.07 5.28 -11.54
C ILE A 60 -3.65 5.80 -12.89
N GLN A 61 -4.91 6.23 -12.89
CA GLN A 61 -5.61 6.73 -14.10
C GLN A 61 -4.98 8.03 -14.49
N GLY A 62 -4.58 8.86 -13.51
CA GLY A 62 -3.92 10.10 -13.89
C GLY A 62 -2.64 9.79 -14.63
N MET A 63 -1.86 8.86 -14.12
CA MET A 63 -0.61 8.47 -14.82
C MET A 63 -0.92 7.88 -16.20
N ARG A 64 -2.02 7.12 -16.32
CA ARG A 64 -2.31 6.44 -17.62
CA ARG A 64 -2.32 6.45 -17.60
C ARG A 64 -2.54 7.49 -18.70
N PHE A 65 -3.12 8.62 -18.30
CA PHE A 65 -3.48 9.72 -19.18
C PHE A 65 -2.48 10.85 -19.15
N ASN A 66 -1.26 10.57 -18.69
CA ASN A 66 -0.15 11.56 -18.71
C ASN A 66 -0.46 12.81 -17.90
N LYS A 67 -1.34 12.68 -16.90
CA LYS A 67 -1.63 13.84 -15.99
C LYS A 67 -0.80 13.80 -14.71
N VAL A 68 -0.23 12.63 -14.48
CA VAL A 68 0.67 12.34 -13.32
C VAL A 68 2.03 11.91 -13.91
N ASP A 69 3.14 12.55 -13.53
CA ASP A 69 4.44 12.25 -14.13
C ASP A 69 5.27 11.26 -13.30
N ILE A 70 5.20 11.48 -12.00
CA ILE A 70 5.81 10.62 -11.05
CA ILE A 70 5.89 10.71 -10.96
C ILE A 70 4.85 10.43 -9.87
N ALA A 71 4.91 9.27 -9.24
CA ALA A 71 4.04 9.05 -8.07
C ALA A 71 4.63 8.20 -7.01
N TRP A 72 4.21 8.44 -5.78
CA TRP A 72 4.42 7.47 -4.69
C TRP A 72 3.21 6.55 -4.65
N TYR A 73 3.41 5.26 -4.86
CA TYR A 73 2.37 4.28 -4.91
C TYR A 73 2.61 3.24 -3.80
N GLY A 74 1.65 2.36 -3.55
CA GLY A 74 2.00 1.12 -2.83
C GLY A 74 2.35 0.07 -3.86
N ASN A 75 2.76 -1.10 -3.42
CA ASN A 75 3.17 -2.10 -4.44
C ASN A 75 2.07 -2.55 -5.38
N LEU A 76 0.83 -2.79 -4.86
CA LEU A 76 -0.30 -3.20 -5.71
C LEU A 76 -0.62 -2.04 -6.76
N SER A 77 -0.73 -0.79 -6.28
CA SER A 77 -1.10 0.30 -7.22
C SER A 77 0.06 0.50 -8.23
N ALA A 78 1.31 0.34 -7.76
CA ALA A 78 2.47 0.38 -8.71
C ALA A 78 2.39 -0.76 -9.76
N MET A 79 2.03 -1.98 -9.33
CA MET A 79 1.83 -3.09 -10.24
CA MET A 79 1.84 -3.06 -10.28
C MET A 79 0.78 -2.68 -11.36
N GLU A 80 -0.34 -2.13 -10.93
CA GLU A 80 -1.34 -1.72 -11.84
C GLU A 80 -0.84 -0.57 -12.71
N ALA A 81 -0.05 0.34 -12.17
CA ALA A 81 0.48 1.38 -13.02
C ALA A 81 1.51 0.88 -14.08
N VAL A 82 2.31 -0.10 -13.69
CA VAL A 82 3.25 -0.67 -14.65
C VAL A 82 2.40 -1.40 -15.71
N ASP A 83 1.39 -2.12 -15.26
CA ASP A 83 0.67 -2.95 -16.25
C ASP A 83 -0.25 -2.15 -17.17
N ARG A 84 -0.77 -1.02 -16.67
CA ARG A 84 -1.94 -0.40 -17.28
CA ARG A 84 -1.85 -0.43 -17.44
C ARG A 84 -1.66 1.05 -17.61
N ALA A 85 -0.63 1.62 -16.97
CA ALA A 85 -0.49 3.09 -16.98
C ALA A 85 0.90 3.57 -17.41
N ASN A 86 1.65 2.71 -18.09
CA ASN A 86 2.93 3.12 -18.66
C ASN A 86 3.93 3.46 -17.55
N GLY A 87 3.74 2.85 -16.37
CA GLY A 87 4.63 3.17 -15.23
C GLY A 87 5.93 2.35 -15.23
N GLN A 88 6.93 2.86 -14.52
CA GLN A 88 8.12 2.09 -14.24
C GLN A 88 8.61 2.48 -12.84
N VAL A 89 8.87 1.48 -12.00
CA VAL A 89 9.50 1.77 -10.71
C VAL A 89 10.94 2.18 -10.90
N PHE A 90 11.38 3.19 -10.14
CA PHE A 90 12.85 3.49 -10.17
C PHE A 90 13.45 3.68 -8.77
N ALA A 91 12.62 3.84 -7.73
CA ALA A 91 13.17 3.99 -6.36
C ALA A 91 12.20 3.32 -5.40
N GLN A 92 12.69 3.07 -4.19
CA GLN A 92 11.89 2.38 -3.14
C GLN A 92 12.08 3.22 -1.88
N THR A 93 10.98 3.37 -1.16
CA THR A 93 11.08 4.04 0.13
C THR A 93 11.68 3.09 1.19
N VAL A 94 12.25 3.72 2.19
CA VAL A 94 12.94 2.97 3.25
C VAL A 94 12.49 3.51 4.59
N ALA A 95 12.10 2.60 5.48
CA ALA A 95 11.58 3.06 6.81
C ALA A 95 12.65 3.78 7.63
N ALA A 96 12.26 4.90 8.23
CA ALA A 96 13.25 5.66 8.99
C ALA A 96 13.78 4.77 10.21
N ASP A 97 12.99 3.84 10.69
CA ASP A 97 13.32 3.14 11.94
C ASP A 97 14.11 1.85 11.72
N GLY A 98 14.49 1.64 10.45
CA GLY A 98 15.22 0.44 10.03
C GLY A 98 14.38 -0.79 9.74
N SER A 99 13.06 -0.71 9.86
CA SER A 99 12.27 -1.87 9.50
C SER A 99 12.60 -2.28 8.04
N PRO A 100 12.50 -3.58 7.71
CA PRO A 100 12.83 -3.98 6.33
C PRO A 100 11.65 -3.92 5.33
N GLY A 101 10.50 -3.44 5.80
CA GLY A 101 9.30 -3.24 4.92
C GLY A 101 8.23 -2.83 5.95
N TYR A 102 6.95 -3.12 5.69
CA TYR A 102 5.90 -2.75 6.68
C TYR A 102 4.92 -3.92 6.64
N TRP A 103 3.89 -3.86 7.48
CA TRP A 103 2.98 -4.99 7.59
C TRP A 103 1.57 -4.52 7.55
N SER A 104 0.70 -5.37 7.02
CA SER A 104 -0.75 -5.14 7.06
C SER A 104 -1.26 -5.67 8.44
N VAL A 105 -2.35 -5.09 8.92
CA VAL A 105 -3.00 -5.52 10.20
C VAL A 105 -4.54 -5.51 10.05
N LEU A 106 -5.20 -6.25 10.92
CA LEU A 106 -6.57 -6.01 11.27
C LEU A 106 -6.61 -5.37 12.64
N ILE A 107 -7.40 -4.31 12.78
CA ILE A 107 -7.58 -3.62 14.01
C ILE A 107 -8.99 -3.68 14.52
N VAL A 108 -9.13 -3.84 15.83
CA VAL A 108 -10.44 -3.58 16.48
C VAL A 108 -10.23 -2.55 17.60
N ASN A 109 -11.31 -2.13 18.25
CA ASN A 109 -11.15 -1.20 19.33
C ASN A 109 -10.61 -1.94 20.56
N LYS A 110 -9.80 -1.25 21.35
CA LYS A 110 -9.31 -1.76 22.63
C LYS A 110 -10.43 -2.33 23.50
N ASP A 111 -11.67 -1.79 23.43
CA ASP A 111 -12.75 -2.36 24.27
CA ASP A 111 -12.89 -2.28 24.16
C ASP A 111 -13.41 -3.63 23.69
N SER A 112 -12.99 -4.07 22.51
CA SER A 112 -13.60 -5.29 21.89
C SER A 112 -13.14 -6.55 22.59
N PRO A 113 -14.05 -7.53 22.74
CA PRO A 113 -13.58 -8.81 23.30
C PRO A 113 -12.87 -9.68 22.25
N ILE A 114 -12.83 -9.22 20.99
CA ILE A 114 -12.18 -9.97 19.92
C ILE A 114 -10.69 -9.81 20.10
N ASN A 115 -9.88 -10.89 20.14
CA ASN A 115 -8.47 -10.83 20.39
CA ASN A 115 -8.40 -10.65 20.28
C ASN A 115 -7.56 -11.46 19.32
N ASN A 116 -8.21 -12.17 18.40
CA ASN A 116 -7.49 -12.97 17.39
C ASN A 116 -8.39 -13.25 16.24
N LEU A 117 -7.83 -13.84 15.17
CA LEU A 117 -8.58 -13.99 13.94
C LEU A 117 -9.68 -15.03 14.18
N ASN A 118 -9.37 -16.07 15.00
CA ASN A 118 -10.42 -17.04 15.28
C ASN A 118 -11.72 -16.43 15.83
N ASP A 119 -11.56 -15.58 16.85
CA ASP A 119 -12.70 -14.94 17.51
C ASP A 119 -13.42 -14.07 16.47
N LEU A 120 -12.65 -13.38 15.65
CA LEU A 120 -13.23 -12.53 14.62
C LEU A 120 -14.11 -13.31 13.67
N LEU A 121 -13.57 -14.39 13.13
CA LEU A 121 -14.27 -15.13 12.08
C LEU A 121 -15.47 -15.81 12.70
N ALA A 122 -15.39 -16.15 13.98
CA ALA A 122 -16.47 -16.83 14.64
C ALA A 122 -17.68 -15.90 14.74
N LYS A 123 -17.43 -14.61 14.88
CA LYS A 123 -18.56 -13.69 15.06
CA LYS A 123 -18.46 -13.60 15.11
C LYS A 123 -18.80 -12.78 13.88
N ARG A 124 -18.22 -13.13 12.74
CA ARG A 124 -18.27 -12.18 11.58
C ARG A 124 -19.68 -11.77 11.16
N LYS A 125 -20.69 -12.66 11.22
CA LYS A 125 -22.06 -12.26 10.80
C LYS A 125 -22.66 -11.08 11.59
N ASP A 126 -22.12 -10.82 12.78
CA ASP A 126 -22.60 -9.74 13.66
C ASP A 126 -21.70 -8.52 13.68
N LEU A 127 -20.63 -8.54 12.91
CA LEU A 127 -19.66 -7.44 12.94
C LEU A 127 -19.60 -6.66 11.64
N THR A 128 -19.34 -5.35 11.75
CA THR A 128 -19.11 -4.49 10.55
C THR A 128 -17.61 -4.43 10.23
N PHE A 129 -17.32 -4.38 8.94
CA PHE A 129 -15.95 -4.51 8.41
C PHE A 129 -15.53 -3.36 7.54
N GLY A 130 -14.44 -2.67 7.94
CA GLY A 130 -13.92 -1.56 7.13
C GLY A 130 -12.79 -2.15 6.28
N ASN A 131 -13.11 -2.42 5.02
CA ASN A 131 -12.13 -2.93 4.10
C ASN A 131 -11.41 -1.74 3.52
N GLY A 132 -10.31 -2.05 2.81
CA GLY A 132 -9.47 -0.99 2.31
C GLY A 132 -9.85 -0.57 0.92
N ASP A 133 -9.03 0.34 0.42
CA ASP A 133 -9.07 0.76 -0.96
C ASP A 133 -8.77 -0.46 -1.82
N PRO A 134 -9.57 -0.73 -2.88
CA PRO A 134 -9.41 -1.96 -3.69
C PRO A 134 -8.05 -2.00 -4.35
N ASN A 135 -7.35 -0.89 -4.41
CA ASN A 135 -6.01 -0.91 -4.94
C ASN A 135 -4.88 -0.82 -3.90
N SER A 136 -5.20 -1.04 -2.63
CA SER A 136 -4.21 -0.99 -1.56
C SER A 136 -3.66 -2.38 -1.26
N THR A 137 -2.33 -2.43 -1.17
CA THR A 137 -1.60 -3.68 -0.87
C THR A 137 -2.02 -4.16 0.53
N SER A 138 -1.76 -3.30 1.51
CA SER A 138 -2.03 -3.68 2.95
C SER A 138 -3.54 -3.57 3.32
N GLY A 139 -4.27 -2.68 2.61
CA GLY A 139 -5.70 -2.47 2.92
C GLY A 139 -6.64 -3.50 2.33
N PHE A 140 -6.24 -4.15 1.26
CA PHE A 140 -7.13 -4.98 0.50
C PHE A 140 -6.51 -6.34 0.09
N LEU A 141 -5.43 -6.33 -0.66
CA LEU A 141 -4.95 -7.55 -1.23
C LEU A 141 -4.40 -8.52 -0.22
N VAL A 142 -3.59 -8.01 0.69
CA VAL A 142 -2.88 -8.88 1.63
C VAL A 142 -3.89 -9.52 2.64
N PRO A 143 -4.76 -8.74 3.28
CA PRO A 143 -5.80 -9.43 4.09
C PRO A 143 -6.76 -10.20 3.24
N GLY A 144 -6.96 -9.72 2.03
CA GLY A 144 -7.84 -10.43 1.08
C GLY A 144 -7.38 -11.85 0.80
N TYR A 145 -6.06 -12.08 0.75
CA TYR A 145 -5.60 -13.49 0.61
C TYR A 145 -5.47 -14.23 1.95
N TYR A 146 -4.73 -13.65 2.89
CA TYR A 146 -4.41 -14.40 4.11
C TYR A 146 -5.53 -14.53 5.08
N VAL A 147 -6.41 -13.51 5.19
CA VAL A 147 -7.52 -13.59 6.10
C VAL A 147 -8.73 -14.29 5.36
N PHE A 148 -9.11 -13.78 4.20
CA PHE A 148 -10.37 -14.22 3.58
C PHE A 148 -10.14 -15.44 2.72
N ALA A 149 -9.31 -15.33 1.69
CA ALA A 149 -9.18 -16.43 0.73
C ALA A 149 -8.70 -17.69 1.41
N LYS A 150 -7.67 -17.59 2.23
CA LYS A 150 -7.13 -18.79 2.94
CA LYS A 150 -7.15 -18.80 2.90
C LYS A 150 -8.14 -19.35 3.95
N ASN A 151 -9.15 -18.58 4.30
CA ASN A 151 -10.18 -19.10 5.17
C ASN A 151 -11.50 -19.42 4.47
N ASN A 152 -11.48 -19.37 3.15
CA ASN A 152 -12.65 -19.69 2.32
C ASN A 152 -13.85 -18.83 2.71
N ILE A 153 -13.59 -17.58 3.02
CA ILE A 153 -14.64 -16.64 3.34
C ILE A 153 -14.44 -15.35 2.55
N SER A 154 -15.38 -14.43 2.75
CA SER A 154 -15.62 -13.28 1.92
C SER A 154 -15.87 -12.06 2.82
N ALA A 155 -15.47 -10.87 2.43
CA ALA A 155 -15.88 -9.68 3.16
C ALA A 155 -17.44 -9.60 3.16
N SER A 156 -18.10 -10.25 2.17
CA SER A 156 -19.61 -10.26 2.17
C SER A 156 -20.18 -11.06 3.30
N ASP A 157 -19.33 -11.88 3.93
CA ASP A 157 -19.74 -12.70 5.08
C ASP A 157 -19.86 -11.92 6.36
N PHE A 158 -19.34 -10.67 6.40
CA PHE A 158 -19.56 -9.78 7.56
C PHE A 158 -20.95 -9.15 7.50
N LYS A 159 -21.43 -8.61 8.64
CA LYS A 159 -22.75 -7.95 8.70
C LYS A 159 -22.87 -6.84 7.66
N ARG A 160 -21.81 -6.04 7.52
CA ARG A 160 -21.79 -4.90 6.60
C ARG A 160 -20.33 -4.67 6.28
N THR A 161 -20.04 -4.21 5.07
CA THR A 161 -18.65 -3.87 4.74
CA THR A 161 -18.65 -3.89 4.66
C THR A 161 -18.61 -2.60 3.91
N VAL A 162 -17.62 -1.74 4.19
CA VAL A 162 -17.41 -0.57 3.34
C VAL A 162 -15.94 -0.52 2.99
N ASN A 163 -15.60 0.13 1.89
CA ASN A 163 -14.19 0.33 1.57
CA ASN A 163 -14.20 0.31 1.54
C ASN A 163 -13.81 1.75 1.93
N ALA A 164 -12.63 1.93 2.48
CA ALA A 164 -12.18 3.27 2.88
C ALA A 164 -10.64 3.23 2.95
N GLY A 165 -10.04 4.41 3.03
CA GLY A 165 -8.58 4.48 3.12
C GLY A 165 -8.07 4.20 4.52
N HIS A 166 -6.74 4.10 4.71
CA HIS A 166 -6.21 3.63 6.02
C HIS A 166 -6.61 4.62 7.11
N GLU A 167 -6.45 5.90 6.89
CA GLU A 167 -6.73 6.85 8.01
C GLU A 167 -8.21 6.78 8.43
N THR A 168 -9.08 6.73 7.44
CA THR A 168 -10.54 6.70 7.71
C THR A 168 -10.86 5.44 8.53
N ASN A 169 -10.30 4.31 8.09
CA ASN A 169 -10.52 3.03 8.81
C ASN A 169 -10.03 3.06 10.21
N ALA A 170 -8.82 3.60 10.45
CA ALA A 170 -8.24 3.58 11.80
C ALA A 170 -9.11 4.48 12.71
N LEU A 171 -9.47 5.65 12.22
CA LEU A 171 -10.30 6.53 13.05
C LEU A 171 -11.68 5.91 13.31
N ALA A 172 -12.26 5.24 12.30
CA ALA A 172 -13.62 4.60 12.51
C ALA A 172 -13.56 3.50 13.56
N VAL A 173 -12.46 2.77 13.58
CA VAL A 173 -12.35 1.72 14.63
C VAL A 173 -12.17 2.41 16.02
N ALA A 174 -11.24 3.38 16.10
CA ALA A 174 -11.01 4.16 17.32
C ALA A 174 -12.31 4.73 17.84
N ASN A 175 -13.15 5.19 16.93
CA ASN A 175 -14.33 6.04 17.27
C ASN A 175 -15.57 5.16 17.47
N LYS A 176 -15.32 3.85 17.47
CA LYS A 176 -16.35 2.80 17.61
C LYS A 176 -17.47 2.90 16.57
N GLN A 177 -17.11 3.31 15.37
CA GLN A 177 -18.02 3.36 14.24
C GLN A 177 -18.01 2.15 13.30
N VAL A 178 -16.97 1.30 13.39
CA VAL A 178 -16.92 0.06 12.64
C VAL A 178 -16.21 -0.91 13.58
N ASP A 179 -16.57 -2.18 13.54
CA ASP A 179 -16.04 -3.14 14.50
C ASP A 179 -14.60 -3.59 14.24
N VAL A 180 -14.31 -3.83 12.97
CA VAL A 180 -12.95 -4.23 12.61
C VAL A 180 -12.61 -3.62 11.28
N ALA A 181 -11.35 -3.35 11.07
CA ALA A 181 -10.89 -2.82 9.74
C ALA A 181 -9.48 -3.25 9.42
N THR A 182 -9.13 -3.16 8.13
CA THR A 182 -7.76 -3.37 7.69
C THR A 182 -6.98 -2.08 7.96
N ASN A 183 -5.68 -2.21 8.04
CA ASN A 183 -4.82 -1.07 8.21
C ASN A 183 -3.36 -1.48 7.97
N ASN A 184 -2.42 -0.65 8.37
CA ASN A 184 -1.02 -1.09 8.28
C ASN A 184 -0.15 -0.41 9.31
N THR A 185 1.07 -0.92 9.52
CA THR A 185 1.91 -0.46 10.58
C THR A 185 2.46 0.94 10.33
N GLU A 186 2.53 1.33 9.07
CA GLU A 186 3.00 2.73 8.80
C GLU A 186 1.97 3.72 9.32
N ASN A 187 0.76 3.55 8.74
N ASN A 187 0.69 3.49 9.11
CA ASN A 187 -0.44 4.33 9.03
CA ASN A 187 -0.28 4.36 9.77
C ASN A 187 -0.75 4.36 10.50
C ASN A 187 -0.27 4.29 11.33
N LEU A 188 -0.50 3.25 11.19
N LEU A 188 -0.12 3.09 11.90
CA LEU A 188 -0.63 3.30 12.63
CA LEU A 188 -0.20 3.03 13.33
C LEU A 188 0.43 4.20 13.22
C LEU A 188 1.01 3.78 13.90
N ASP A 189 1.67 4.12 12.75
N ASP A 189 2.14 3.64 13.22
CA ASP A 189 2.65 5.08 13.28
CA ASP A 189 3.39 4.31 13.60
C ASP A 189 2.38 6.55 12.91
C ASP A 189 3.16 5.83 13.57
N LYS A 190 1.69 6.80 11.81
N LYS A 190 2.46 6.33 12.55
CA LYS A 190 1.36 8.20 11.54
CA LYS A 190 2.24 7.76 12.47
C LYS A 190 0.20 8.70 12.37
C LYS A 190 1.36 8.26 13.56
N LEU A 191 -0.29 7.81 13.24
N LEU A 191 0.40 7.43 13.97
CA LEU A 191 -1.38 8.17 14.13
CA LEU A 191 -0.49 7.88 14.98
C LEU A 191 -0.76 8.73 15.31
C LEU A 191 0.19 7.99 16.31
N LYS A 192 0.43 8.31 15.55
N LYS A 192 1.23 7.17 16.54
CA LYS A 192 1.09 8.89 16.68
CA LYS A 192 2.06 7.22 17.74
C LYS A 192 1.22 10.37 16.48
C LYS A 192 2.35 8.67 18.08
N THR A 193 1.28 10.78 15.20
N THR A 193 2.50 9.43 17.04
CA THR A 193 1.32 12.19 14.83
CA THR A 193 2.98 10.77 17.18
C THR A 193 -0.07 12.84 14.63
C THR A 193 1.85 11.73 16.99
N SER A 194 -0.88 12.29 13.74
N SER A 194 1.25 11.62 15.85
CA SER A 194 -2.12 13.00 13.38
CA SER A 194 0.16 12.48 15.42
C SER A 194 -3.14 12.95 14.53
C SER A 194 -1.03 12.52 16.35
N ALA A 195 -3.13 11.84 15.25
N ALA A 195 -1.47 11.35 16.84
CA ALA A 195 -4.21 11.52 16.20
CA ALA A 195 -2.65 11.27 17.73
C ALA A 195 -3.81 10.64 17.34
C ALA A 195 -2.58 10.06 18.68
N PRO A 196 -3.01 11.12 18.26
N PRO A 196 -1.65 10.09 19.66
CA PRO A 196 -2.45 10.15 19.23
CA PRO A 196 -1.55 8.93 20.50
C PRO A 196 -3.39 9.43 20.18
C PRO A 196 -2.89 8.60 21.15
N GLU A 197 -4.39 10.10 20.72
N GLU A 197 -3.81 9.57 21.24
CA GLU A 197 -5.24 9.43 21.71
CA GLU A 197 -5.16 9.34 21.79
C GLU A 197 -6.15 8.42 21.01
C GLU A 197 -6.02 8.32 21.01
N LYS A 198 -6.09 8.46 19.69
CA LYS A 198 -6.83 7.55 18.84
C LYS A 198 -6.05 6.25 18.74
N LEU A 199 -4.72 6.34 18.65
CA LEU A 199 -3.95 5.09 18.59
C LEU A 199 -4.18 4.26 19.81
N LYS A 200 -4.32 4.89 20.97
CA LYS A 200 -4.52 4.16 22.22
C LYS A 200 -5.86 3.43 22.25
N GLU A 201 -6.77 3.78 21.34
CA GLU A 201 -8.07 3.08 21.29
C GLU A 201 -8.04 1.86 20.35
N LEU A 202 -6.88 1.56 19.77
CA LEU A 202 -6.80 0.47 18.77
C LEU A 202 -6.05 -0.76 19.29
N LYS A 203 -6.41 -1.93 18.74
CA LYS A 203 -5.77 -3.19 19.16
C LYS A 203 -5.61 -3.98 17.88
N VAL A 204 -4.39 -4.42 17.62
CA VAL A 204 -4.09 -5.22 16.41
C VAL A 204 -4.41 -6.70 16.77
N ILE A 205 -5.20 -7.36 15.92
CA ILE A 205 -5.56 -8.76 16.17
C ILE A 205 -4.99 -9.71 15.09
N TRP A 206 -4.30 -9.17 14.10
CA TRP A 206 -3.74 -9.97 13.00
C TRP A 206 -2.74 -9.12 12.31
N LYS A 207 -1.63 -9.72 11.93
CA LYS A 207 -0.52 -9.01 11.27
CA LYS A 207 -0.64 -8.98 11.21
C LYS A 207 -0.07 -9.91 10.14
N SER A 208 0.24 -9.30 9.00
CA SER A 208 0.63 -10.03 7.77
C SER A 208 2.14 -10.38 7.77
N PRO A 209 2.55 -11.19 6.78
CA PRO A 209 3.96 -11.27 6.51
C PRO A 209 4.46 -9.89 5.97
N LEU A 210 5.77 -9.74 5.91
CA LEU A 210 6.37 -8.48 5.54
C LEU A 210 5.96 -8.10 4.13
N ILE A 211 5.68 -6.81 3.94
CA ILE A 211 5.40 -6.29 2.61
C ILE A 211 6.59 -5.39 2.25
N PRO A 212 7.11 -5.46 1.02
CA PRO A 212 8.23 -4.54 0.65
C PRO A 212 7.86 -3.09 0.74
N GLY A 213 8.91 -2.29 0.94
CA GLY A 213 8.70 -0.86 0.97
C GLY A 213 8.09 -0.32 -0.34
N ASP A 214 7.29 0.75 -0.21
CA ASP A 214 6.59 1.32 -1.37
C ASP A 214 7.52 1.89 -2.41
N PRO A 215 7.14 1.70 -3.67
CA PRO A 215 7.93 2.20 -4.79
C PRO A 215 7.59 3.65 -5.14
N ILE A 216 8.55 4.34 -5.73
CA ILE A 216 8.25 5.55 -6.52
C ILE A 216 8.39 5.22 -8.00
N VAL A 217 7.45 5.73 -8.75
CA VAL A 217 7.19 5.29 -10.14
C VAL A 217 7.11 6.52 -11.04
N TRP A 218 7.72 6.41 -12.23
CA TRP A 218 7.46 7.49 -13.23
C TRP A 218 6.80 6.93 -14.48
N ARG A 219 6.25 7.83 -15.28
CA ARG A 219 5.69 7.35 -16.56
C ARG A 219 6.87 7.24 -17.59
N LYS A 220 6.85 6.20 -18.40
CA LYS A 220 8.03 5.81 -19.18
C LYS A 220 8.29 6.79 -20.33
N ASN A 221 7.30 7.59 -20.66
CA ASN A 221 7.42 8.53 -21.80
C ASN A 221 7.98 9.88 -21.43
N LEU A 222 8.42 10.03 -20.19
CA LEU A 222 9.11 11.25 -19.80
C LEU A 222 10.40 11.27 -20.60
N SER A 223 10.92 12.46 -20.92
CA SER A 223 12.25 12.50 -21.60
C SER A 223 13.46 11.89 -20.81
N GLU A 224 14.52 11.54 -21.53
CA GLU A 224 15.75 11.03 -20.93
C GLU A 224 16.34 11.99 -19.89
N THR A 225 16.30 13.30 -20.18
CA THR A 225 16.96 14.25 -19.30
CA THR A 225 16.93 14.29 -19.33
C THR A 225 16.09 14.47 -18.07
N THR A 226 14.77 14.43 -18.25
CA THR A 226 13.84 14.52 -17.11
C THR A 226 14.01 13.33 -16.16
N LYS A 227 14.08 12.12 -16.67
CA LYS A 227 14.30 10.96 -15.84
C LYS A 227 15.61 11.10 -15.17
N ASP A 228 16.65 11.53 -15.89
CA ASP A 228 17.98 11.60 -15.20
C ASP A 228 17.92 12.59 -14.04
N LYS A 229 17.23 13.73 -14.22
CA LYS A 229 17.15 14.73 -13.13
C LYS A 229 16.35 14.21 -11.96
N ILE A 230 15.23 13.53 -12.25
CA ILE A 230 14.40 13.01 -11.20
C ILE A 230 15.20 11.93 -10.42
N TYR A 231 15.81 11.03 -11.15
CA TYR A 231 16.53 9.92 -10.49
C TYR A 231 17.67 10.42 -9.60
N ASP A 232 18.44 11.41 -10.11
CA ASP A 232 19.49 12.03 -9.33
C ASP A 232 18.92 12.68 -8.04
N PHE A 233 17.79 13.38 -8.16
CA PHE A 233 17.17 13.97 -7.02
C PHE A 233 16.81 12.92 -5.95
N PHE A 234 16.13 11.86 -6.33
CA PHE A 234 15.81 10.82 -5.35
C PHE A 234 17.00 10.12 -4.73
N MET A 235 17.99 9.76 -5.58
CA MET A 235 19.15 9.01 -5.07
C MET A 235 20.03 9.83 -4.08
N ASN A 236 20.04 11.15 -4.24
CA ASN A 236 20.86 12.03 -3.44
C ASN A 236 20.10 12.74 -2.32
N TYR A 237 18.78 12.64 -2.30
CA TYR A 237 18.03 13.32 -1.28
C TYR A 237 18.32 12.79 0.13
N GLY A 238 18.44 13.73 1.07
CA GLY A 238 18.64 13.28 2.43
C GLY A 238 20.05 13.58 2.92
N LYS A 239 20.91 14.19 2.09
CA LYS A 239 22.31 14.35 2.50
C LYS A 239 22.54 15.55 3.40
N THR A 240 21.56 16.44 3.49
CA THR A 240 21.68 17.62 4.34
C THR A 240 20.69 17.58 5.53
N PRO A 241 20.90 18.48 6.48
CA PRO A 241 20.07 18.49 7.68
C PRO A 241 18.63 18.69 7.37
N GLU A 242 18.37 19.64 6.50
CA GLU A 242 17.02 19.99 6.20
C GLU A 242 16.30 18.83 5.46
N GLU A 243 17.02 18.18 4.56
CA GLU A 243 16.41 17.02 3.82
C GLU A 243 16.22 15.84 4.77
N LYS A 244 17.10 15.65 5.72
CA LYS A 244 16.91 14.60 6.69
CA LYS A 244 16.91 14.61 6.68
C LYS A 244 15.64 14.89 7.45
N ALA A 245 15.45 16.12 7.86
CA ALA A 245 14.23 16.48 8.65
C ALA A 245 12.90 16.19 7.82
N VAL A 246 12.93 16.49 6.53
CA VAL A 246 11.78 16.28 5.65
C VAL A 246 11.52 14.77 5.53
N LEU A 247 12.59 13.99 5.38
CA LEU A 247 12.39 12.51 5.27
C LEU A 247 11.84 11.97 6.56
N GLU A 248 12.34 12.48 7.65
CA GLU A 248 11.93 12.01 8.98
C GLU A 248 10.43 12.24 9.18
N ARG A 249 9.93 13.34 8.70
CA ARG A 249 8.52 13.67 8.83
C ARG A 249 7.63 12.78 7.96
N LEU A 250 8.18 12.31 6.87
CA LEU A 250 7.54 11.29 5.97
C LEU A 250 7.68 9.88 6.57
N GLY A 251 8.53 9.72 7.56
CA GLY A 251 8.76 8.38 8.22
C GLY A 251 9.78 7.57 7.40
N TRP A 252 10.61 8.22 6.63
CA TRP A 252 11.53 7.57 5.70
C TRP A 252 12.99 7.83 5.98
N ALA A 253 13.84 6.88 5.61
CA ALA A 253 15.31 7.12 5.51
C ALA A 253 15.58 7.48 4.02
N PRO A 254 16.87 7.70 3.65
CA PRO A 254 17.11 7.95 2.24
C PRO A 254 16.65 6.80 1.33
N PHE A 255 16.29 7.16 0.10
CA PHE A 255 15.65 6.18 -0.86
C PHE A 255 16.63 5.14 -1.31
N ARG A 256 16.09 4.05 -1.77
CA ARG A 256 16.95 2.98 -2.37
C ARG A 256 16.68 2.91 -3.86
N ALA A 257 17.72 2.70 -4.69
CA ALA A 257 17.55 2.37 -6.11
C ALA A 257 16.63 1.17 -6.22
N SER A 258 15.66 1.28 -7.11
CA SER A 258 14.78 0.11 -7.33
C SER A 258 14.36 -0.11 -8.80
N SER A 259 13.44 -1.08 -9.01
CA SER A 259 13.03 -1.43 -10.35
C SER A 259 11.75 -2.17 -10.20
N ASP A 260 11.17 -2.57 -11.34
CA ASP A 260 9.92 -3.38 -11.36
C ASP A 260 10.14 -4.73 -10.68
N LEU A 261 11.38 -5.15 -10.49
CA LEU A 261 11.59 -6.43 -9.82
C LEU A 261 11.10 -6.42 -8.36
N GLN A 262 10.97 -5.26 -7.73
CA GLN A 262 10.50 -5.29 -6.36
C GLN A 262 9.03 -5.74 -6.26
N LEU A 263 8.33 -5.73 -7.36
CA LEU A 263 6.92 -6.05 -7.40
C LEU A 263 6.65 -7.53 -7.44
N VAL A 264 7.68 -8.31 -7.72
CA VAL A 264 7.47 -9.77 -7.80
C VAL A 264 6.63 -10.40 -6.71
N PRO A 265 6.92 -10.13 -5.42
CA PRO A 265 6.18 -10.84 -4.35
C PRO A 265 4.71 -10.41 -4.30
N ILE A 266 4.39 -9.22 -4.79
CA ILE A 266 2.98 -8.79 -4.90
C ILE A 266 2.25 -9.36 -6.11
N ARG A 267 2.97 -9.49 -7.22
CA ARG A 267 2.50 -10.25 -8.35
C ARG A 267 2.21 -11.66 -7.91
N GLN A 268 3.15 -12.24 -7.16
CA GLN A 268 2.91 -13.63 -6.71
C GLN A 268 1.63 -13.71 -5.85
N LEU A 269 1.49 -12.76 -4.96
CA LEU A 269 0.40 -12.79 -3.98
CA LEU A 269 0.41 -12.83 -3.98
C LEU A 269 -0.90 -12.62 -4.74
N ALA A 270 -0.97 -11.76 -5.72
CA ALA A 270 -2.12 -11.59 -6.63
C ALA A 270 -2.56 -12.86 -7.42
N LEU A 271 -1.57 -13.64 -7.82
CA LEU A 271 -1.81 -14.87 -8.51
C LEU A 271 -2.20 -15.95 -7.50
N PHE A 272 -1.63 -15.89 -6.30
CA PHE A 272 -2.00 -16.86 -5.26
C PHE A 272 -3.47 -16.71 -4.93
N LYS A 273 -3.92 -15.47 -4.80
CA LYS A 273 -5.32 -15.18 -4.51
C LYS A 273 -6.22 -15.63 -5.67
N GLU A 274 -5.80 -15.34 -6.90
CA GLU A 274 -6.51 -15.88 -8.07
C GLU A 274 -6.58 -17.42 -8.02
N MET A 275 -5.45 -18.06 -7.69
CA MET A 275 -5.40 -19.54 -7.60
C MET A 275 -6.31 -20.09 -6.49
N GLN A 276 -6.23 -19.55 -5.28
CA GLN A 276 -6.99 -20.07 -4.13
C GLN A 276 -8.47 -19.85 -4.36
N SER A 277 -8.74 -18.85 -5.19
CA SER A 277 -10.09 -18.55 -5.61
C SER A 277 -10.61 -19.55 -6.59
N VAL A 278 -9.87 -19.77 -7.67
CA VAL A 278 -10.22 -20.70 -8.76
C VAL A 278 -10.36 -22.12 -8.24
N LYS A 279 -9.50 -22.51 -7.30
CA LYS A 279 -9.54 -23.86 -6.68
C LYS A 279 -10.63 -24.05 -5.60
N ASP A 280 -11.06 -22.97 -4.96
CA ASP A 280 -12.20 -22.96 -4.03
C ASP A 280 -13.52 -22.70 -4.80
N ASN A 281 -13.44 -22.63 -6.13
CA ASN A 281 -14.60 -22.38 -7.00
C ASN A 281 -15.44 -23.60 -7.39
N LYS A 282 -16.44 -23.81 -6.57
CA LYS A 282 -17.48 -24.83 -6.76
C LYS A 282 -18.25 -24.80 -8.11
N GLY A 283 -17.97 -23.82 -8.93
CA GLY A 283 -18.70 -23.55 -10.16
C GLY A 283 -17.97 -23.57 -11.53
N LEU A 284 -16.83 -24.26 -11.59
CA LEU A 284 -16.23 -24.55 -12.88
C LEU A 284 -16.22 -26.04 -13.00
N ASN A 285 -16.21 -26.61 -14.21
CA ASN A 285 -15.97 -28.04 -14.40
C ASN A 285 -14.47 -28.44 -14.26
N GLU A 286 -14.02 -29.59 -14.81
CA GLU A 286 -12.55 -29.90 -14.88
C GLU A 286 -11.79 -29.42 -16.11
N GLN A 287 -12.25 -29.63 -17.33
CA GLN A 287 -11.59 -29.07 -18.52
C GLN A 287 -11.30 -27.58 -18.35
N ASP A 288 -12.01 -26.97 -17.42
CA ASP A 288 -11.99 -25.52 -17.22
C ASP A 288 -11.41 -25.07 -15.85
N LYS A 289 -11.48 -25.89 -14.81
CA LYS A 289 -10.68 -25.56 -13.65
C LYS A 289 -9.17 -25.84 -14.01
N LEU A 290 -8.91 -26.81 -14.93
CA LEU A 290 -7.54 -27.10 -15.45
C LEU A 290 -6.97 -25.96 -16.30
N ALA A 291 -7.70 -25.55 -17.34
CA ALA A 291 -7.28 -24.45 -18.22
C ALA A 291 -6.93 -23.12 -17.48
N LYS A 292 -7.72 -22.76 -16.49
CA LYS A 292 -7.49 -21.53 -15.72
C LYS A 292 -6.40 -21.69 -14.68
N THR A 293 -6.34 -22.89 -14.08
CA THR A 293 -5.32 -23.24 -13.09
C THR A 293 -3.94 -23.22 -13.78
N THR A 294 -3.84 -23.85 -14.94
CA THR A 294 -2.53 -23.93 -15.61
C THR A 294 -2.12 -22.52 -16.09
N ALA A 295 -3.05 -21.71 -16.61
CA ALA A 295 -2.69 -20.31 -16.96
C ALA A 295 -2.13 -19.45 -15.79
N ILE A 296 -2.71 -19.60 -14.60
CA ILE A 296 -2.21 -18.86 -13.45
C ILE A 296 -0.88 -19.53 -13.01
N GLN A 297 -0.84 -20.86 -13.05
CA GLN A 297 0.39 -21.59 -12.72
C GLN A 297 1.55 -21.18 -13.63
N ALA A 298 1.30 -20.99 -14.93
CA ALA A 298 2.43 -20.57 -15.82
C ALA A 298 3.03 -19.29 -15.32
N GLN A 299 2.19 -18.36 -14.86
CA GLN A 299 2.68 -17.08 -14.39
C GLN A 299 3.37 -17.22 -13.07
N LEU A 300 2.87 -18.03 -12.19
CA LEU A 300 3.56 -18.24 -10.97
C LEU A 300 4.92 -18.92 -11.19
N ASP A 301 4.98 -19.87 -12.11
CA ASP A 301 6.23 -20.53 -12.43
C ASP A 301 7.25 -19.53 -12.95
N ASP A 302 6.80 -18.60 -13.81
CA ASP A 302 7.72 -17.58 -14.32
C ASP A 302 8.32 -16.78 -13.19
N LEU A 303 7.46 -16.41 -12.19
CA LEU A 303 7.97 -15.57 -11.09
C LEU A 303 8.89 -16.38 -10.12
N ASP A 304 8.58 -17.65 -9.94
CA ASP A 304 9.45 -18.54 -9.14
C ASP A 304 10.82 -18.67 -9.82
N ARG A 305 10.80 -18.87 -11.13
CA ARG A 305 12.11 -18.98 -11.86
C ARG A 305 12.87 -17.68 -11.74
N LEU A 306 12.16 -16.56 -11.85
CA LEU A 306 12.84 -15.24 -11.76
C LEU A 306 13.42 -15.14 -10.34
N ASN A 307 12.64 -15.48 -9.32
CA ASN A 307 13.18 -15.43 -7.95
C ASN A 307 14.43 -16.31 -7.81
N ASN A 308 14.40 -17.52 -8.39
CA ASN A 308 15.55 -18.42 -8.29
C ASN A 308 16.75 -17.74 -8.90
N ALA A 309 16.53 -17.10 -10.07
CA ALA A 309 17.65 -16.37 -10.73
C ALA A 309 18.23 -15.24 -9.84
N LEU A 310 17.35 -14.40 -9.25
CA LEU A 310 17.80 -13.31 -8.38
C LEU A 310 18.61 -13.90 -7.20
N SER A 311 18.14 -14.98 -6.63
CA SER A 311 18.85 -15.60 -5.52
CA SER A 311 18.85 -15.59 -5.52
C SER A 311 20.25 -16.10 -5.86
N ALA A 312 20.41 -16.56 -7.09
CA ALA A 312 21.64 -17.22 -7.47
C ALA A 312 22.68 -16.21 -8.02
N MET A 313 22.27 -14.95 -8.23
CA MET A 313 23.20 -13.93 -8.79
C MET A 313 24.35 -13.70 -7.86
NAA P7I B . 2.00 2.94 2.08
OAB P7I B . -1.98 1.04 0.97
OAC P7I B . -0.69 -0.17 -0.94
OAD P7I B . -0.29 -0.81 1.57
CAE P7I B . 0.83 2.11 1.98
CAF P7I B . 0.68 1.49 0.54
PAG P7I B . -0.65 0.32 0.50
C1 GOL C . -9.65 15.12 2.54
O1 GOL C . -8.57 14.55 1.83
C2 GOL C . -9.56 16.63 2.68
O2 GOL C . -9.61 17.22 1.37
C3 GOL C . -8.25 16.97 3.27
O3 GOL C . -8.19 16.93 4.64
C1 GOL D . 10.87 -22.93 -10.22
O1 GOL D . 11.42 -23.35 -8.98
C2 GOL D . 9.56 -23.58 -10.67
O2 GOL D . 9.05 -24.41 -9.62
C3 GOL D . 9.80 -24.53 -11.83
O3 GOL D . 9.99 -24.03 -13.15
C1 GOL E . -7.79 8.71 4.00
O1 GOL E . -8.13 7.53 4.70
C2 GOL E . -8.94 8.89 3.04
O2 GOL E . -8.50 8.25 1.86
C3 GOL E . -9.32 10.37 2.90
O3 GOL E . -8.87 10.77 1.62
#